data_9PPT
#
_entry.id   9PPT
#
_cell.length_a   56.150
_cell.length_b   70.540
_cell.length_c   75.720
_cell.angle_alpha   90.000
_cell.angle_beta   90.000
_cell.angle_gamma   90.000
#
_symmetry.space_group_name_H-M   'P 21 21 21'
#
loop_
_entity.id
_entity.type
_entity.pdbx_description
1 polymer 'Soluble cytochrome b562'
2 non-polymer 'Bismuth(III) ION'
3 non-polymer 'NICKEL (II) ION'
4 non-polymer 'CALCIUM ION'
5 water water
#
_entity_poly.entity_id   1
_entity_poly.type   'polypeptide(L)'
_entity_poly.pdbx_seq_one_letter_code
;ADWEDNMETLNDNLKVIEKADNAAQVKDALTKMRAAALDAKKATPPKLEDKSPASPEMIDFRVGFDILLWQIHDALCLAN
EGKVKEAQAAAEQLKTTVNAHWQKYR
;
_entity_poly.pdbx_strand_id   A,B,C
#
loop_
_chem_comp.id
_chem_comp.type
_chem_comp.name
_chem_comp.formula
BS3 non-polymer 'Bismuth(III) ION' 'Bi 3'
CA non-polymer 'CALCIUM ION' 'Ca 2'
NI non-polymer 'NICKEL (II) ION' 'Ni 2'
#
# COMPACT_ATOMS: atom_id res chain seq x y z
N ALA A 1 -8.27 -13.07 12.51
CA ALA A 1 -9.47 -12.52 13.14
C ALA A 1 -10.50 -12.14 12.10
N ASP A 2 -11.77 -12.16 12.49
CA ASP A 2 -12.85 -11.77 11.58
C ASP A 2 -12.88 -10.25 11.46
N TRP A 3 -13.91 -9.71 10.80
CA TRP A 3 -13.95 -8.30 10.49
C TRP A 3 -14.14 -7.45 11.75
N GLU A 4 -15.11 -7.82 12.59
CA GLU A 4 -15.39 -6.99 13.76
C GLU A 4 -14.27 -7.05 14.78
N ASP A 5 -13.58 -8.19 14.89
CA ASP A 5 -12.42 -8.26 15.78
C ASP A 5 -11.29 -7.36 15.29
N ASN A 6 -11.08 -7.31 13.97
CA ASN A 6 -10.05 -6.42 13.44
C ASN A 6 -10.43 -4.96 13.65
N MET A 7 -11.71 -4.62 13.48
CA MET A 7 -12.14 -3.25 13.74
C MET A 7 -11.99 -2.90 15.23
N GLU A 8 -12.26 -3.87 16.10
CA GLU A 8 -12.06 -3.65 17.53
C GLU A 8 -10.58 -3.44 17.85
N THR A 9 -9.70 -4.19 17.21
CA THR A 9 -8.27 -3.98 17.39
C THR A 9 -7.87 -2.58 16.94
N LEU A 10 -8.39 -2.13 15.78
CA LEU A 10 -8.13 -0.78 15.32
C LEU A 10 -8.56 0.27 16.33
N ASN A 11 -9.79 0.12 16.87
CA ASN A 11 -10.29 1.09 17.83
C ASN A 11 -9.48 1.08 19.12
N ASP A 12 -9.13 -0.11 19.60
CA ASP A 12 -8.34 -0.22 20.83
C ASP A 12 -6.98 0.43 20.66
N ASN A 13 -6.33 0.21 19.52
CA ASN A 13 -5.02 0.82 19.33
C ASN A 13 -5.12 2.32 19.08
N LEU A 14 -6.22 2.79 18.49
CA LEU A 14 -6.44 4.23 18.42
C LEU A 14 -6.57 4.83 19.81
N LYS A 15 -7.27 4.14 20.71
CA LYS A 15 -7.37 4.61 22.09
C LYS A 15 -6.01 4.59 22.77
N VAL A 16 -5.21 3.56 22.49
CA VAL A 16 -3.86 3.49 23.07
C VAL A 16 -3.01 4.65 22.58
N ILE A 17 -3.15 5.01 21.30
CA ILE A 17 -2.37 6.11 20.75
C ILE A 17 -2.81 7.44 21.35
N GLU A 18 -4.12 7.66 21.47
CA GLU A 18 -4.62 8.95 21.93
C GLU A 18 -4.27 9.21 23.39
N LYS A 19 -4.02 8.17 24.18
CA LYS A 19 -3.62 8.30 25.58
C LYS A 19 -2.23 7.71 25.80
N ALA A 20 -1.30 8.02 24.88
CA ALA A 20 0.02 7.41 24.89
C ALA A 20 1.02 8.35 25.54
N ASP A 21 1.51 7.96 26.71
CA ASP A 21 2.68 8.58 27.30
C ASP A 21 3.94 7.74 27.09
N ASN A 22 3.77 6.51 26.60
CA ASN A 22 4.86 5.56 26.38
C ASN A 22 5.79 5.98 25.24
N ALA A 23 5.52 7.11 24.59
CA ALA A 23 6.36 7.67 23.52
C ALA A 23 6.37 6.69 22.36
N ALA A 24 7.52 6.16 21.93
CA ALA A 24 7.66 5.38 20.71
C ALA A 24 6.73 4.18 20.64
N GLN A 25 6.14 3.76 21.76
CA GLN A 25 5.17 2.66 21.73
C GLN A 25 3.99 2.98 20.82
N VAL A 26 3.75 4.25 20.51
CA VAL A 26 2.75 4.61 19.50
C VAL A 26 2.98 3.78 18.24
N LYS A 27 4.22 3.71 17.79
CA LYS A 27 4.56 2.90 16.61
C LYS A 27 4.02 1.48 16.76
N ASP A 28 4.30 0.86 17.91
CA ASP A 28 3.77 -0.47 18.19
C ASP A 28 2.28 -0.52 17.92
N ALA A 29 1.52 0.38 18.56
CA ALA A 29 0.08 0.43 18.32
C ALA A 29 -0.20 0.60 16.83
N LEU A 30 0.45 1.58 16.20
CA LEU A 30 0.30 1.77 14.76
C LEU A 30 0.61 0.48 14.02
N THR A 31 1.70 -0.18 14.39
CA THR A 31 2.03 -1.47 13.79
C THR A 31 0.84 -2.41 13.86
N LYS A 32 0.30 -2.60 15.07
CA LYS A 32 -0.85 -3.47 15.24
C LYS A 32 -1.99 -3.03 14.32
N MET A 33 -2.26 -1.72 14.26
CA MET A 33 -3.31 -1.21 13.39
C MET A 33 -3.10 -1.69 11.96
N ARG A 34 -1.88 -1.52 11.45
CA ARG A 34 -1.57 -2.01 10.11
C ARG A 34 -1.90 -3.49 10.01
N ALA A 35 -1.36 -4.29 10.94
CA ALA A 35 -1.60 -5.73 10.92
C ALA A 35 -3.09 -6.04 10.98
N ALA A 36 -3.87 -5.18 11.64
CA ALA A 36 -5.31 -5.39 11.66
C ALA A 36 -5.91 -5.12 10.28
N ALA A 37 -5.61 -3.95 9.71
CA ALA A 37 -6.24 -3.55 8.44
C ALA A 37 -5.97 -4.58 7.36
N LEU A 38 -4.70 -4.93 7.17
CA LEU A 38 -4.33 -5.96 6.20
C LEU A 38 -5.12 -7.25 6.46
N ASP A 39 -5.16 -7.69 7.73
CA ASP A 39 -5.88 -8.92 8.04
C ASP A 39 -7.35 -8.77 7.69
N ALA A 40 -7.91 -7.58 7.92
CA ALA A 40 -9.32 -7.35 7.62
C ALA A 40 -9.59 -7.40 6.12
N LYS A 41 -8.57 -7.19 5.29
CA LYS A 41 -8.75 -7.34 3.85
C LYS A 41 -9.05 -8.79 3.47
N LYS A 42 -8.72 -9.74 4.33
CA LYS A 42 -9.02 -11.15 4.07
C LYS A 42 -10.34 -11.57 4.70
N ALA A 43 -11.01 -10.69 5.44
CA ALA A 43 -12.25 -11.02 6.09
C ALA A 43 -13.44 -10.60 5.23
N THR A 44 -14.64 -10.93 5.69
CA THR A 44 -15.86 -10.58 4.99
C THR A 44 -16.91 -10.12 5.99
N PRO A 45 -17.48 -8.94 5.82
CA PRO A 45 -18.55 -8.50 6.70
C PRO A 45 -19.75 -9.42 6.57
N PRO A 46 -20.50 -9.65 7.65
CA PRO A 46 -21.60 -10.62 7.60
C PRO A 46 -22.65 -10.30 6.55
N LYS A 47 -22.94 -9.02 6.31
CA LYS A 47 -23.93 -8.65 5.31
C LYS A 47 -23.46 -8.89 3.88
N LEU A 48 -22.17 -9.15 3.66
CA LEU A 48 -21.66 -9.44 2.34
C LEU A 48 -21.22 -10.89 2.19
N GLU A 49 -21.62 -11.77 3.10
CA GLU A 49 -21.21 -13.16 3.03
C GLU A 49 -21.81 -13.89 1.83
N ASP A 50 -22.88 -13.37 1.25
CA ASP A 50 -23.50 -13.97 0.08
C ASP A 50 -22.94 -13.46 -1.24
N LYS A 51 -22.35 -12.26 -1.25
CA LYS A 51 -21.80 -11.69 -2.46
C LYS A 51 -20.55 -12.47 -2.90
N SER A 52 -20.14 -12.23 -4.14
CA SER A 52 -18.93 -12.83 -4.66
C SER A 52 -17.71 -12.16 -4.01
N PRO A 53 -16.64 -12.92 -3.77
CA PRO A 53 -15.44 -12.32 -3.15
C PRO A 53 -14.82 -11.20 -3.97
N ALA A 54 -15.07 -11.14 -5.28
CA ALA A 54 -14.57 -10.08 -6.13
C ALA A 54 -15.68 -9.15 -6.61
N SER A 55 -16.86 -9.21 -5.98
CA SER A 55 -17.95 -8.32 -6.35
C SER A 55 -17.56 -6.88 -6.04
N PRO A 56 -18.20 -5.91 -6.72
CA PRO A 56 -17.86 -4.50 -6.46
C PRO A 56 -17.93 -4.11 -5.00
N GLU A 57 -18.86 -4.68 -4.23
CA GLU A 57 -18.96 -4.34 -2.81
C GLU A 57 -17.73 -4.81 -2.05
N MET A 58 -17.27 -6.04 -2.29
CA MET A 58 -16.07 -6.53 -1.62
C MET A 58 -14.82 -5.78 -2.08
N ILE A 59 -14.78 -5.37 -3.35
CA ILE A 59 -13.68 -4.55 -3.83
C ILE A 59 -13.65 -3.21 -3.07
N ASP A 60 -14.82 -2.59 -2.92
CA ASP A 60 -14.90 -1.36 -2.14
C ASP A 60 -14.44 -1.58 -0.71
N PHE A 61 -14.84 -2.70 -0.11
CA PHE A 61 -14.41 -3.06 1.24
C PHE A 61 -12.88 -3.09 1.35
N ARG A 62 -12.24 -3.88 0.50
CA ARG A 62 -10.79 -4.02 0.58
C ARG A 62 -10.07 -2.71 0.25
N VAL A 63 -10.61 -1.93 -0.69
CA VAL A 63 -9.95 -0.68 -1.05
C VAL A 63 -10.12 0.36 0.06
N GLY A 64 -11.24 0.33 0.79
CA GLY A 64 -11.37 1.17 1.96
C GLY A 64 -10.33 0.82 3.01
N PHE A 65 -10.05 -0.47 3.18
CA PHE A 65 -8.94 -0.82 4.07
C PHE A 65 -7.60 -0.37 3.51
N ASP A 66 -7.45 -0.30 2.19
CA ASP A 66 -6.24 0.28 1.61
C ASP A 66 -6.10 1.77 1.97
N ILE A 67 -7.21 2.51 1.91
CA ILE A 67 -7.20 3.91 2.33
C ILE A 67 -6.78 4.03 3.79
N LEU A 68 -7.36 3.17 4.63
CA LEU A 68 -6.95 3.13 6.03
C LEU A 68 -5.46 2.87 6.17
N LEU A 69 -4.92 1.95 5.35
CA LEU A 69 -3.50 1.62 5.44
C LEU A 69 -2.64 2.82 5.07
N TRP A 70 -3.04 3.60 4.07
CA TRP A 70 -2.25 4.76 3.70
C TRP A 70 -2.30 5.84 4.78
N GLN A 71 -3.45 6.00 5.44
CA GLN A 71 -3.50 6.92 6.58
C GLN A 71 -2.61 6.42 7.72
N ILE A 72 -2.62 5.12 7.97
CA ILE A 72 -1.76 4.54 9.01
C ILE A 72 -0.30 4.77 8.67
N HIS A 73 0.05 4.69 7.38
CA HIS A 73 1.40 5.00 6.95
C HIS A 73 1.75 6.46 7.23
N ASP A 74 0.82 7.38 6.94
CA ASP A 74 1.06 8.79 7.23
C ASP A 74 1.35 8.99 8.71
N ALA A 75 0.66 8.25 9.57
CA ALA A 75 0.91 8.36 11.01
C ALA A 75 2.23 7.71 11.41
N LEU A 76 2.52 6.53 10.85
CA LEU A 76 3.67 5.76 11.29
C LEU A 76 4.98 6.38 10.83
N CYS A 77 4.99 7.01 9.66
N CYS A 77 5.00 7.01 9.65
CA CYS A 77 6.20 7.69 9.21
CA CYS A 77 6.21 7.69 9.21
C CYS A 77 6.55 8.86 10.12
C CYS A 77 6.55 8.86 10.13
N LEU A 78 5.54 9.59 10.60
CA LEU A 78 5.78 10.66 11.55
C LEU A 78 6.22 10.11 12.89
N ALA A 79 5.64 8.97 13.30
CA ALA A 79 6.05 8.37 14.58
C ALA A 79 7.49 7.88 14.53
N ASN A 80 7.94 7.37 13.38
CA ASN A 80 9.29 6.84 13.28
C ASN A 80 10.34 7.94 13.31
N GLU A 81 10.04 9.11 12.76
CA GLU A 81 10.99 10.22 12.76
C GLU A 81 11.24 10.76 14.16
N GLY A 82 10.35 10.48 15.10
CA GLY A 82 10.40 11.05 16.43
C GLY A 82 9.34 12.09 16.73
N LYS A 83 8.26 12.14 15.96
CA LYS A 83 7.20 13.12 16.15
C LYS A 83 5.94 12.39 16.65
N VAL A 84 5.80 12.32 17.98
CA VAL A 84 4.63 11.67 18.56
C VAL A 84 3.37 12.48 18.26
N LYS A 85 3.45 13.80 18.43
CA LYS A 85 2.38 14.67 17.99
C LYS A 85 2.25 14.60 16.46
N GLU A 86 1.21 15.25 15.94
CA GLU A 86 0.84 15.18 14.53
C GLU A 86 0.46 13.75 14.13
N ALA A 87 1.27 12.75 14.51
CA ALA A 87 0.82 11.37 14.39
C ALA A 87 -0.37 11.10 15.30
N GLN A 88 -0.29 11.55 16.56
CA GLN A 88 -1.43 11.45 17.45
C GLN A 88 -2.64 12.23 16.93
N ALA A 89 -2.39 13.28 16.13
CA ALA A 89 -3.49 14.05 15.57
C ALA A 89 -4.14 13.32 14.39
N ALA A 90 -3.31 12.79 13.48
CA ALA A 90 -3.81 11.98 12.38
C ALA A 90 -4.53 10.73 12.87
N ALA A 91 -4.23 10.29 14.09
CA ALA A 91 -5.01 9.22 14.70
C ALA A 91 -6.50 9.57 14.75
N GLU A 92 -6.84 10.86 14.86
CA GLU A 92 -8.24 11.25 14.91
C GLU A 92 -8.92 11.10 13.55
N GLN A 93 -8.25 11.51 12.48
CA GLN A 93 -8.79 11.25 11.14
C GLN A 93 -8.85 9.75 10.87
N LEU A 94 -7.89 8.99 11.41
CA LEU A 94 -7.96 7.54 11.33
C LEU A 94 -9.23 7.01 11.99
N LYS A 95 -9.54 7.53 13.18
CA LYS A 95 -10.76 7.12 13.87
C LYS A 95 -11.99 7.47 13.05
N THR A 96 -11.99 8.67 12.45
CA THR A 96 -13.11 9.07 11.61
C THR A 96 -13.32 8.10 10.46
N THR A 97 -12.25 7.77 9.74
CA THR A 97 -12.37 6.87 8.60
C THR A 97 -12.76 5.46 9.03
N VAL A 98 -12.23 5.00 10.17
CA VAL A 98 -12.58 3.68 10.68
C VAL A 98 -14.07 3.62 11.03
N ASN A 99 -14.58 4.66 11.69
CA ASN A 99 -15.99 4.69 12.03
C ASN A 99 -16.85 4.76 10.79
N ALA A 100 -16.40 5.51 9.77
CA ALA A 100 -17.14 5.58 8.52
C ALA A 100 -17.24 4.21 7.86
N HIS A 101 -16.11 3.49 7.75
CA HIS A 101 -16.15 2.17 7.14
C HIS A 101 -16.99 1.19 7.96
N TRP A 102 -16.89 1.28 9.28
CA TRP A 102 -17.71 0.43 10.15
C TRP A 102 -19.19 0.65 9.90
N GLN A 103 -19.63 1.92 9.94
CA GLN A 103 -21.03 2.22 9.66
C GLN A 103 -21.42 1.80 8.25
N LYS A 104 -20.47 1.82 7.31
CA LYS A 104 -20.80 1.49 5.93
C LYS A 104 -21.06 0.00 5.76
N TYR A 105 -20.24 -0.86 6.37
CA TYR A 105 -20.31 -2.29 6.08
C TYR A 105 -20.93 -3.12 7.18
N ARG A 106 -21.39 -2.51 8.28
CA ARG A 106 -22.01 -3.29 9.35
C ARG A 106 -23.50 -3.49 9.11
N ALA B 1 8.08 -11.16 -13.17
CA ALA B 1 7.56 -12.18 -14.08
C ALA B 1 7.01 -13.36 -13.29
N ASP B 2 7.73 -14.49 -13.36
CA ASP B 2 7.31 -15.69 -12.64
C ASP B 2 7.32 -15.45 -11.13
N TRP B 3 6.37 -16.08 -10.44
CA TRP B 3 6.32 -15.97 -8.99
C TRP B 3 7.60 -16.48 -8.35
N GLU B 4 8.11 -17.62 -8.83
CA GLU B 4 9.36 -18.15 -8.30
C GLU B 4 10.52 -17.20 -8.58
N ASP B 5 10.54 -16.59 -9.76
CA ASP B 5 11.60 -15.62 -10.07
C ASP B 5 11.46 -14.37 -9.21
N ASN B 6 10.23 -13.97 -8.91
CA ASN B 6 10.04 -12.84 -8.01
C ASN B 6 10.54 -13.18 -6.60
N MET B 7 10.30 -14.40 -6.13
CA MET B 7 10.83 -14.81 -4.84
C MET B 7 12.36 -14.83 -4.85
N GLU B 8 12.94 -15.28 -5.97
CA GLU B 8 14.39 -15.22 -6.12
CA GLU B 8 14.39 -15.22 -6.12
C GLU B 8 14.89 -13.78 -6.01
N THR B 9 14.19 -12.84 -6.66
CA THR B 9 14.59 -11.44 -6.59
C THR B 9 14.50 -10.93 -5.16
N LEU B 10 13.43 -11.29 -4.44
CA LEU B 10 13.27 -10.87 -3.06
C LEU B 10 14.42 -11.39 -2.20
N ASN B 11 14.76 -12.67 -2.34
CA ASN B 11 15.85 -13.24 -1.55
C ASN B 11 17.19 -12.61 -1.90
N ASP B 12 17.45 -12.40 -3.19
CA ASP B 12 18.72 -11.80 -3.60
C ASP B 12 18.86 -10.39 -3.04
N ASN B 13 17.80 -9.59 -3.11
CA ASN B 13 17.91 -8.23 -2.59
C ASN B 13 17.95 -8.21 -1.07
N LEU B 14 17.36 -9.20 -0.41
CA LEU B 14 17.55 -9.33 1.04
C LEU B 14 19.01 -9.59 1.37
N LYS B 15 19.66 -10.48 0.61
CA LYS B 15 21.09 -10.69 0.79
C LYS B 15 21.88 -9.41 0.53
N VAL B 16 21.45 -8.63 -0.47
CA VAL B 16 22.13 -7.36 -0.75
C VAL B 16 21.98 -6.41 0.43
N ILE B 17 20.79 -6.32 1.01
CA ILE B 17 20.57 -5.44 2.16
C ILE B 17 21.41 -5.87 3.35
N GLU B 18 21.53 -7.19 3.55
CA GLU B 18 22.30 -7.69 4.70
C GLU B 18 23.75 -7.22 4.66
N LYS B 19 24.32 -7.07 3.46
CA LYS B 19 25.71 -6.67 3.31
C LYS B 19 25.85 -5.24 2.78
N ALA B 20 24.80 -4.45 2.84
CA ALA B 20 24.84 -3.09 2.31
C ALA B 20 25.74 -2.20 3.17
N ASP B 21 26.33 -1.19 2.52
CA ASP B 21 27.28 -0.30 3.17
C ASP B 21 26.73 1.09 3.45
N ASN B 22 25.74 1.55 2.69
CA ASN B 22 25.18 2.88 2.89
C ASN B 22 23.68 2.82 2.66
N ALA B 23 23.02 3.98 2.77
CA ALA B 23 21.57 4.05 2.64
C ALA B 23 21.11 3.91 1.20
N ALA B 24 21.93 4.34 0.24
CA ALA B 24 21.52 4.28 -1.16
C ALA B 24 21.36 2.83 -1.63
N GLN B 25 22.28 1.95 -1.22
CA GLN B 25 22.17 0.55 -1.61
C GLN B 25 20.94 -0.10 -0.97
N VAL B 26 20.66 0.24 0.29
CA VAL B 26 19.47 -0.28 0.96
C VAL B 26 18.22 0.18 0.23
N LYS B 27 18.16 1.46 -0.12
CA LYS B 27 17.00 1.98 -0.83
C LYS B 27 16.82 1.32 -2.18
N ASP B 28 17.92 1.11 -2.91
CA ASP B 28 17.84 0.47 -4.23
C ASP B 28 17.32 -0.96 -4.11
N ALA B 29 17.88 -1.73 -3.17
CA ALA B 29 17.43 -3.10 -2.98
C ALA B 29 15.98 -3.16 -2.54
N LEU B 30 15.55 -2.22 -1.68
CA LEU B 30 14.17 -2.22 -1.24
C LEU B 30 13.22 -1.84 -2.37
N THR B 31 13.65 -0.93 -3.26
CA THR B 31 12.85 -0.61 -4.43
C THR B 31 12.69 -1.81 -5.34
N LYS B 32 13.79 -2.55 -5.56
CA LYS B 32 13.70 -3.76 -6.37
C LYS B 32 12.79 -4.79 -5.72
N MET B 33 12.85 -4.91 -4.39
CA MET B 33 11.96 -5.82 -3.68
C MET B 33 10.50 -5.41 -3.83
N ARG B 34 10.22 -4.11 -3.75
CA ARG B 34 8.87 -3.62 -3.91
C ARG B 34 8.35 -3.92 -5.32
N ALA B 35 9.20 -3.71 -6.33
CA ALA B 35 8.80 -4.04 -7.70
C ALA B 35 8.51 -5.53 -7.83
N ALA B 36 9.38 -6.38 -7.26
CA ALA B 36 9.17 -7.82 -7.36
C ALA B 36 7.88 -8.24 -6.65
N ALA B 37 7.57 -7.63 -5.51
CA ALA B 37 6.36 -7.99 -4.78
C ALA B 37 5.10 -7.52 -5.52
N LEU B 38 5.13 -6.30 -6.05
CA LEU B 38 4.00 -5.83 -6.85
C LEU B 38 3.79 -6.71 -8.08
N ASP B 39 4.87 -7.20 -8.68
CA ASP B 39 4.73 -8.08 -9.83
C ASP B 39 4.19 -9.45 -9.43
N ALA B 40 4.67 -9.98 -8.29
CA ALA B 40 4.19 -11.27 -7.82
C ALA B 40 2.74 -11.23 -7.37
N LYS B 41 2.23 -10.04 -7.01
CA LYS B 41 0.80 -9.92 -6.71
C LYS B 41 -0.06 -10.38 -7.89
N LYS B 42 0.42 -10.19 -9.12
CA LYS B 42 -0.32 -10.59 -10.32
C LYS B 42 -0.06 -12.04 -10.71
N ALA B 43 0.79 -12.75 -9.99
CA ALA B 43 1.11 -14.13 -10.34
C ALA B 43 0.22 -15.10 -9.59
N THR B 44 0.32 -16.37 -9.95
CA THR B 44 -0.38 -17.46 -9.28
C THR B 44 0.64 -18.46 -8.76
N PRO B 45 0.74 -18.67 -7.45
CA PRO B 45 1.75 -19.57 -6.91
C PRO B 45 1.42 -21.02 -7.24
N PRO B 46 2.43 -21.91 -7.21
CA PRO B 46 2.16 -23.31 -7.59
C PRO B 46 1.10 -23.99 -6.75
N LYS B 47 1.02 -23.67 -5.45
CA LYS B 47 0.02 -24.31 -4.60
C LYS B 47 -1.40 -23.91 -4.99
N LEU B 48 -1.57 -22.72 -5.56
CA LEU B 48 -2.89 -22.17 -5.85
C LEU B 48 -3.24 -22.22 -7.33
N GLU B 49 -2.53 -23.04 -8.11
CA GLU B 49 -2.87 -23.16 -9.53
C GLU B 49 -4.20 -23.86 -9.76
N ASP B 50 -4.76 -24.52 -8.75
CA ASP B 50 -6.08 -25.14 -8.85
C ASP B 50 -7.17 -24.29 -8.20
N LYS B 51 -6.94 -22.98 -8.07
CA LYS B 51 -7.90 -22.06 -7.51
C LYS B 51 -8.18 -20.94 -8.49
N SER B 52 -9.40 -20.42 -8.47
CA SER B 52 -9.77 -19.34 -9.36
C SER B 52 -9.06 -18.05 -8.94
N PRO B 53 -8.79 -17.14 -9.89
CA PRO B 53 -8.06 -15.92 -9.56
C PRO B 53 -8.73 -15.06 -8.51
N ALA B 54 -10.05 -15.16 -8.35
CA ALA B 54 -10.78 -14.39 -7.35
C ALA B 54 -11.26 -15.24 -6.18
N SER B 55 -10.74 -16.46 -6.04
CA SER B 55 -11.07 -17.29 -4.90
C SER B 55 -10.51 -16.67 -3.61
N PRO B 56 -11.08 -17.02 -2.46
CA PRO B 56 -10.53 -16.50 -1.20
C PRO B 56 -9.06 -16.80 -1.00
N GLU B 57 -8.58 -17.96 -1.48
CA GLU B 57 -7.17 -18.29 -1.33
C GLU B 57 -6.28 -17.32 -2.09
N MET B 58 -6.66 -16.98 -3.32
CA MET B 58 -5.86 -16.03 -4.11
C MET B 58 -5.94 -14.62 -3.53
N ILE B 59 -7.10 -14.24 -3.00
CA ILE B 59 -7.21 -12.94 -2.34
C ILE B 59 -6.29 -12.88 -1.12
N ASP B 60 -6.25 -13.96 -0.34
CA ASP B 60 -5.35 -14.00 0.82
C ASP B 60 -3.89 -13.97 0.38
N PHE B 61 -3.57 -14.62 -0.75
CA PHE B 61 -2.22 -14.56 -1.30
C PHE B 61 -1.82 -13.13 -1.65
N ARG B 62 -2.70 -12.42 -2.34
CA ARG B 62 -2.41 -11.03 -2.69
C ARG B 62 -2.32 -10.15 -1.45
N VAL B 63 -3.13 -10.44 -0.43
CA VAL B 63 -3.04 -9.67 0.81
C VAL B 63 -1.73 -9.95 1.54
N GLY B 64 -1.24 -11.19 1.47
CA GLY B 64 0.08 -11.49 2.04
C GLY B 64 1.18 -10.70 1.34
N PHE B 65 1.08 -10.57 0.02
CA PHE B 65 2.06 -9.72 -0.66
C PHE B 65 1.88 -8.25 -0.33
N ASP B 66 0.65 -7.82 -0.02
CA ASP B 66 0.45 -6.46 0.50
C ASP B 66 1.16 -6.27 1.84
N ILE B 67 1.07 -7.28 2.71
CA ILE B 67 1.77 -7.23 3.99
C ILE B 67 3.27 -7.09 3.76
N LEU B 68 3.81 -7.89 2.82
CA LEU B 68 5.22 -7.77 2.47
C LEU B 68 5.55 -6.38 1.97
N LEU B 69 4.67 -5.80 1.15
CA LEU B 69 4.90 -4.46 0.62
C LEU B 69 4.97 -3.42 1.73
N TRP B 70 4.09 -3.54 2.72
CA TRP B 70 4.11 -2.56 3.81
C TRP B 70 5.33 -2.74 4.71
N GLN B 71 5.79 -3.98 4.90
CA GLN B 71 7.05 -4.17 5.63
C GLN B 71 8.23 -3.58 4.84
N ILE B 72 8.23 -3.77 3.52
CA ILE B 72 9.24 -3.15 2.67
C ILE B 72 9.20 -1.64 2.82
N HIS B 73 8.00 -1.06 2.88
CA HIS B 73 7.90 0.39 3.05
C HIS B 73 8.43 0.83 4.39
N ASP B 74 8.18 0.06 5.45
CA ASP B 74 8.77 0.37 6.75
C ASP B 74 10.29 0.44 6.66
N ALA B 75 10.88 -0.58 6.03
CA ALA B 75 12.33 -0.58 5.87
C ALA B 75 12.80 0.61 5.03
N LEU B 76 12.03 0.98 4.00
CA LEU B 76 12.42 2.09 3.14
C LEU B 76 12.31 3.42 3.88
N CYS B 77 11.30 3.58 4.72
CA CYS B 77 11.19 4.78 5.54
C CYS B 77 12.34 4.88 6.53
N LEU B 78 12.75 3.74 7.09
CA LEU B 78 13.94 3.74 7.94
C LEU B 78 15.18 4.14 7.16
N ALA B 79 15.30 3.66 5.91
CA ALA B 79 16.48 3.97 5.11
C ALA B 79 16.51 5.43 4.67
N ASN B 80 15.34 6.03 4.45
CA ASN B 80 15.30 7.43 4.02
C ASN B 80 15.77 8.36 5.13
N GLU B 81 15.64 7.95 6.39
CA GLU B 81 16.08 8.74 7.52
C GLU B 81 17.54 8.52 7.87
N GLY B 82 18.27 7.74 7.07
CA GLY B 82 19.67 7.49 7.35
C GLY B 82 19.94 6.40 8.34
N LYS B 83 18.90 5.71 8.82
CA LYS B 83 19.06 4.63 9.80
C LYS B 83 19.26 3.31 9.04
N VAL B 84 20.51 3.06 8.68
CA VAL B 84 20.82 1.89 7.85
C VAL B 84 20.70 0.60 8.67
N LYS B 85 21.19 0.62 9.92
CA LYS B 85 21.14 -0.58 10.74
C LYS B 85 19.72 -0.95 11.11
N GLU B 86 18.89 0.05 11.40
CA GLU B 86 17.47 -0.21 11.63
C GLU B 86 16.81 -0.78 10.39
N ALA B 87 17.22 -0.30 9.21
CA ALA B 87 16.68 -0.82 7.96
C ALA B 87 17.05 -2.29 7.77
N GLN B 88 18.29 -2.65 8.12
CA GLN B 88 18.69 -4.05 8.00
C GLN B 88 17.98 -4.92 9.04
N ALA B 89 17.78 -4.40 10.24
CA ALA B 89 17.00 -5.12 11.25
C ALA B 89 15.58 -5.37 10.76
N ALA B 90 14.99 -4.40 10.05
CA ALA B 90 13.67 -4.62 9.47
C ALA B 90 13.74 -5.60 8.30
N ALA B 91 14.84 -5.59 7.54
CA ALA B 91 15.00 -6.56 6.48
C ALA B 91 15.08 -7.98 7.03
N GLU B 92 15.48 -8.15 8.28
CA GLU B 92 15.42 -9.47 8.91
C GLU B 92 13.98 -9.97 8.98
N GLN B 93 13.06 -9.14 9.48
CA GLN B 93 11.64 -9.47 9.46
C GLN B 93 11.14 -9.70 8.04
N LEU B 94 11.64 -8.89 7.10
CA LEU B 94 11.32 -9.11 5.68
C LEU B 94 11.70 -10.53 5.26
N LYS B 95 12.88 -10.98 5.65
CA LYS B 95 13.33 -12.32 5.27
C LYS B 95 12.46 -13.39 5.90
N THR B 96 12.07 -13.20 7.16
CA THR B 96 11.16 -14.13 7.80
C THR B 96 9.85 -14.24 7.03
N THR B 97 9.26 -13.09 6.67
CA THR B 97 8.00 -13.10 5.94
C THR B 97 8.16 -13.75 4.56
N VAL B 98 9.28 -13.46 3.88
CA VAL B 98 9.50 -14.03 2.55
C VAL B 98 9.64 -15.54 2.63
N ASN B 99 10.37 -16.04 3.62
N ASN B 99 10.37 -16.04 3.63
CA ASN B 99 10.51 -17.48 3.78
CA ASN B 99 10.51 -17.48 3.78
C ASN B 99 9.17 -18.14 4.13
C ASN B 99 9.18 -18.14 4.13
N ALA B 100 8.36 -17.47 4.96
CA ALA B 100 7.04 -18.01 5.28
C ALA B 100 6.17 -18.09 4.03
N HIS B 101 6.18 -17.04 3.21
N HIS B 101 6.19 -17.04 3.21
CA HIS B 101 5.39 -17.07 1.98
CA HIS B 101 5.41 -17.05 1.98
C HIS B 101 5.90 -18.15 1.03
C HIS B 101 5.90 -18.15 1.03
N TRP B 102 7.22 -18.31 0.92
CA TRP B 102 7.78 -19.35 0.07
C TRP B 102 7.34 -20.73 0.52
N GLN B 103 7.46 -21.00 1.82
CA GLN B 103 7.05 -22.31 2.33
C GLN B 103 5.55 -22.51 2.20
N LYS B 104 4.77 -21.44 2.26
CA LYS B 104 3.31 -21.58 2.23
C LYS B 104 2.79 -21.83 0.81
N TYR B 105 3.38 -21.16 -0.19
CA TYR B 105 2.77 -21.16 -1.52
C TYR B 105 3.56 -21.91 -2.58
N ARG B 106 4.71 -22.50 -2.24
CA ARG B 106 5.46 -23.26 -3.24
C ARG B 106 4.88 -24.65 -3.42
N ALA C 1 -16.92 7.70 -16.62
CA ALA C 1 -17.70 7.92 -15.40
C ALA C 1 -16.81 8.40 -14.26
N ASP C 2 -16.89 7.71 -13.12
CA ASP C 2 -16.12 8.14 -11.96
C ASP C 2 -14.64 7.80 -12.10
N TRP C 3 -14.32 6.68 -12.75
CA TRP C 3 -12.92 6.38 -13.05
C TRP C 3 -12.32 7.43 -13.97
N GLU C 4 -13.09 7.88 -14.98
CA GLU C 4 -12.62 8.95 -15.84
C GLU C 4 -12.42 10.25 -15.07
N ASP C 5 -13.32 10.56 -14.14
CA ASP C 5 -13.16 11.75 -13.32
C ASP C 5 -11.92 11.65 -12.45
N ASN C 6 -11.62 10.46 -11.93
CA ASN C 6 -10.42 10.28 -11.13
C ASN C 6 -9.16 10.45 -11.98
N MET C 7 -9.18 9.94 -13.22
CA MET C 7 -8.05 10.14 -14.12
C MET C 7 -7.86 11.62 -14.42
N GLU C 8 -8.95 12.35 -14.63
CA GLU C 8 -8.85 13.78 -14.89
C GLU C 8 -8.30 14.52 -13.67
N THR C 9 -8.71 14.10 -12.46
CA THR C 9 -8.17 14.68 -11.24
C THR C 9 -6.68 14.42 -11.12
N LEU C 10 -6.24 13.20 -11.42
CA LEU C 10 -4.82 12.89 -11.43
C LEU C 10 -4.06 13.79 -12.38
N ASN C 11 -4.58 13.97 -13.60
CA ASN C 11 -3.90 14.79 -14.59
C ASN C 11 -3.84 16.25 -14.15
N ASP C 12 -4.94 16.77 -13.59
CA ASP C 12 -4.97 18.15 -13.11
C ASP C 12 -3.95 18.37 -12.00
N ASN C 13 -3.89 17.45 -11.04
CA ASN C 13 -2.93 17.61 -9.96
C ASN C 13 -1.49 17.43 -10.44
N LEU C 14 -1.29 16.61 -11.47
CA LEU C 14 0.05 16.51 -12.06
C LEU C 14 0.47 17.83 -12.70
N LYS C 15 -0.46 18.49 -13.40
CA LYS C 15 -0.16 19.82 -13.92
C LYS C 15 0.13 20.80 -12.80
N VAL C 16 -0.64 20.73 -11.72
CA VAL C 16 -0.42 21.60 -10.56
C VAL C 16 0.99 21.39 -10.00
N ILE C 17 1.41 20.13 -9.88
CA ILE C 17 2.75 19.84 -9.37
C ILE C 17 3.81 20.39 -10.31
N GLU C 18 3.61 20.20 -11.63
CA GLU C 18 4.59 20.69 -12.59
C GLU C 18 4.70 22.22 -12.54
N LYS C 19 3.62 22.91 -12.20
CA LYS C 19 3.63 24.36 -12.06
C LYS C 19 3.62 24.81 -10.61
N ALA C 20 4.34 24.11 -9.73
CA ALA C 20 4.38 24.43 -8.31
C ALA C 20 5.72 25.05 -7.94
N ASP C 21 5.73 25.73 -6.78
CA ASP C 21 6.92 26.41 -6.28
C ASP C 21 7.42 25.82 -4.97
N ASN C 22 6.60 25.79 -3.93
CA ASN C 22 6.98 25.28 -2.63
C ASN C 22 6.47 23.85 -2.43
N ALA C 23 6.94 23.22 -1.35
CA ALA C 23 6.63 21.83 -1.04
C ALA C 23 5.21 21.61 -0.57
N ALA C 24 4.55 22.62 -0.01
CA ALA C 24 3.19 22.42 0.48
C ALA C 24 2.22 22.21 -0.68
N GLN C 25 2.40 22.96 -1.77
CA GLN C 25 1.55 22.78 -2.95
C GLN C 25 1.70 21.39 -3.52
N VAL C 26 2.95 20.92 -3.65
CA VAL C 26 3.21 19.59 -4.18
C VAL C 26 2.61 18.53 -3.26
N LYS C 27 2.74 18.72 -1.94
CA LYS C 27 2.18 17.75 -1.00
C LYS C 27 0.66 17.70 -1.10
N ASP C 28 0.00 18.85 -1.21
CA ASP C 28 -1.45 18.87 -1.32
C ASP C 28 -1.91 18.21 -2.62
N ALA C 29 -1.23 18.50 -3.73
CA ALA C 29 -1.60 17.89 -5.00
C ALA C 29 -1.37 16.38 -4.97
N LEU C 30 -0.29 15.93 -4.32
CA LEU C 30 -0.03 14.50 -4.22
C LEU C 30 -1.03 13.80 -3.31
N THR C 31 -1.49 14.47 -2.26
CA THR C 31 -2.54 13.89 -1.42
C THR C 31 -3.84 13.74 -2.21
N LYS C 32 -4.20 14.77 -2.99
CA LYS C 32 -5.36 14.65 -3.86
C LYS C 32 -5.19 13.52 -4.88
N MET C 33 -3.97 13.36 -5.40
CA MET C 33 -3.70 12.27 -6.33
C MET C 33 -3.87 10.91 -5.67
N ARG C 34 -3.39 10.76 -4.44
CA ARG C 34 -3.55 9.50 -3.72
C ARG C 34 -5.03 9.20 -3.51
N ALA C 35 -5.80 10.21 -3.10
CA ALA C 35 -7.23 10.02 -2.91
C ALA C 35 -7.90 9.58 -4.22
N ALA C 36 -7.58 10.24 -5.32
CA ALA C 36 -8.19 9.90 -6.60
C ALA C 36 -7.80 8.50 -7.06
N ALA C 37 -6.53 8.13 -6.86
CA ALA C 37 -6.08 6.80 -7.27
C ALA C 37 -6.76 5.71 -6.45
N LEU C 38 -6.89 5.93 -5.14
CA LEU C 38 -7.59 4.95 -4.30
C LEU C 38 -9.06 4.85 -4.68
N ASP C 39 -9.69 5.99 -5.00
CA ASP C 39 -11.09 5.94 -5.40
C ASP C 39 -11.28 5.24 -6.74
N ALA C 40 -10.31 5.39 -7.65
CA ALA C 40 -10.42 4.73 -8.96
C ALA C 40 -10.02 3.26 -8.92
N LYS C 41 -9.26 2.85 -7.89
CA LYS C 41 -8.87 1.44 -7.80
C LYS C 41 -10.08 0.54 -7.62
N LYS C 42 -11.13 1.01 -6.95
CA LYS C 42 -12.33 0.22 -6.72
C LYS C 42 -13.40 0.45 -7.78
N ALA C 43 -13.06 1.09 -8.88
CA ALA C 43 -13.99 1.29 -9.99
C ALA C 43 -13.71 0.30 -11.10
N THR C 44 -14.62 0.27 -12.08
CA THR C 44 -14.45 -0.56 -13.26
C THR C 44 -14.19 0.33 -14.46
N PRO C 45 -13.05 0.19 -15.14
CA PRO C 45 -12.77 1.05 -16.29
C PRO C 45 -13.66 0.70 -17.46
N PRO C 46 -13.89 1.65 -18.38
CA PRO C 46 -14.82 1.37 -19.49
C PRO C 46 -14.41 0.21 -20.38
N LYS C 47 -13.11 -0.03 -20.55
CA LYS C 47 -12.68 -1.12 -21.42
C LYS C 47 -13.03 -2.48 -20.83
N LEU C 48 -13.10 -2.58 -19.50
CA LEU C 48 -13.34 -3.85 -18.82
C LEU C 48 -14.78 -3.99 -18.33
N GLU C 49 -15.70 -3.18 -18.85
CA GLU C 49 -17.08 -3.27 -18.42
C GLU C 49 -17.70 -4.62 -18.81
N ASP C 50 -17.33 -5.15 -19.97
CA ASP C 50 -17.88 -6.41 -20.44
C ASP C 50 -17.22 -7.62 -19.80
N LYS C 51 -16.28 -7.42 -18.88
CA LYS C 51 -15.58 -8.51 -18.22
C LYS C 51 -16.21 -8.78 -16.85
N SER C 52 -16.09 -10.04 -16.41
CA SER C 52 -16.58 -10.41 -15.09
C SER C 52 -15.72 -9.74 -14.02
N PRO C 53 -16.32 -9.39 -12.87
CA PRO C 53 -15.51 -8.81 -11.78
C PRO C 53 -14.43 -9.75 -11.27
N ALA C 54 -14.58 -11.06 -11.46
CA ALA C 54 -13.60 -12.05 -11.06
C ALA C 54 -12.52 -12.29 -12.11
N SER C 55 -12.50 -11.49 -13.17
CA SER C 55 -11.54 -11.71 -14.24
C SER C 55 -10.14 -11.26 -13.80
N PRO C 56 -9.10 -11.90 -14.35
CA PRO C 56 -7.74 -11.44 -14.03
C PRO C 56 -7.43 -10.04 -14.53
N GLU C 57 -8.17 -9.55 -15.53
CA GLU C 57 -7.97 -8.19 -16.00
C GLU C 57 -8.21 -7.17 -14.90
N MET C 58 -9.27 -7.36 -14.11
CA MET C 58 -9.56 -6.43 -13.01
C MET C 58 -8.49 -6.52 -11.92
N ILE C 59 -7.97 -7.73 -11.67
CA ILE C 59 -6.92 -7.88 -10.68
C ILE C 59 -5.67 -7.15 -11.11
N ASP C 60 -5.28 -7.30 -12.38
CA ASP C 60 -4.12 -6.58 -12.89
C ASP C 60 -4.36 -5.08 -12.87
N PHE C 61 -5.59 -4.65 -13.14
CA PHE C 61 -5.97 -3.25 -13.06
C PHE C 61 -5.72 -2.68 -11.66
N ARG C 62 -6.21 -3.39 -10.65
CA ARG C 62 -6.01 -2.94 -9.26
C ARG C 62 -4.54 -2.99 -8.86
N VAL C 63 -3.78 -3.96 -9.35
CA VAL C 63 -2.37 -4.03 -9.01
C VAL C 63 -1.60 -2.89 -9.67
N GLY C 64 -1.97 -2.53 -10.90
CA GLY C 64 -1.38 -1.36 -11.52
C GLY C 64 -1.67 -0.10 -10.73
N PHE C 65 -2.88 -0.01 -10.16
CA PHE C 65 -3.16 1.12 -9.27
C PHE C 65 -2.30 1.09 -8.02
N ASP C 66 -1.99 -0.11 -7.49
CA ASP C 66 -1.07 -0.19 -6.38
C ASP C 66 0.31 0.34 -6.75
N ILE C 67 0.79 -0.02 -7.94
CA ILE C 67 2.08 0.50 -8.43
C ILE C 67 2.04 2.02 -8.49
N LEU C 68 0.95 2.57 -9.05
CA LEU C 68 0.81 4.01 -9.13
C LEU C 68 0.81 4.65 -7.74
N LEU C 69 0.15 4.02 -6.78
CA LEU C 69 0.10 4.55 -5.43
C LEU C 69 1.49 4.57 -4.79
N TRP C 70 2.30 3.53 -5.04
CA TRP C 70 3.63 3.54 -4.46
C TRP C 70 4.53 4.58 -5.13
N GLN C 71 4.35 4.83 -6.43
CA GLN C 71 5.08 5.92 -7.06
C GLN C 71 4.65 7.28 -6.49
N ILE C 72 3.34 7.44 -6.25
CA ILE C 72 2.84 8.65 -5.59
C ILE C 72 3.49 8.80 -4.22
N HIS C 73 3.63 7.69 -3.49
CA HIS C 73 4.24 7.74 -2.17
C HIS C 73 5.70 8.17 -2.26
N ASP C 74 6.44 7.67 -3.26
CA ASP C 74 7.82 8.12 -3.43
C ASP C 74 7.89 9.61 -3.70
N ALA C 75 7.01 10.11 -4.57
CA ALA C 75 6.98 11.55 -4.83
C ALA C 75 6.64 12.33 -3.56
N LEU C 76 5.70 11.82 -2.75
CA LEU C 76 5.31 12.53 -1.54
C LEU C 76 6.43 12.52 -0.50
N CYS C 77 7.19 11.44 -0.44
N CYS C 77 7.19 11.44 -0.44
CA CYS C 77 8.35 11.40 0.46
CA CYS C 77 8.35 11.39 0.46
C CYS C 77 9.43 12.36 0.01
C CYS C 77 9.43 12.36 0.01
N LEU C 78 9.61 12.51 -1.31
CA LEU C 78 10.54 13.51 -1.80
C LEU C 78 10.06 14.92 -1.45
N ALA C 79 8.75 15.15 -1.50
CA ALA C 79 8.22 16.47 -1.19
C ALA C 79 8.24 16.78 0.30
N ASN C 80 8.13 15.75 1.15
CA ASN C 80 8.09 15.98 2.59
C ASN C 80 9.44 16.39 3.15
N GLU C 81 10.53 16.00 2.49
CA GLU C 81 11.87 16.36 2.92
C GLU C 81 12.38 17.63 2.25
N GLY C 82 11.48 18.46 1.71
CA GLY C 82 11.89 19.72 1.14
C GLY C 82 12.56 19.63 -0.22
N LYS C 83 12.37 18.53 -0.94
CA LYS C 83 12.95 18.34 -2.27
C LYS C 83 11.85 18.57 -3.30
N VAL C 84 11.83 19.76 -3.88
CA VAL C 84 10.77 20.17 -4.81
C VAL C 84 11.06 19.69 -6.22
N LYS C 85 12.27 19.95 -6.73
CA LYS C 85 12.60 19.58 -8.10
C LYS C 85 12.62 18.07 -8.29
N GLU C 86 13.15 17.36 -7.30
CA GLU C 86 13.14 15.89 -7.35
C GLU C 86 11.72 15.35 -7.33
N ALA C 87 10.86 15.96 -6.50
CA ALA C 87 9.45 15.58 -6.48
C ALA C 87 8.79 15.87 -7.83
N GLN C 88 9.20 16.94 -8.51
CA GLN C 88 8.62 17.24 -9.82
C GLN C 88 9.08 16.24 -10.87
N ALA C 89 10.32 15.78 -10.79
CA ALA C 89 10.76 14.72 -11.70
C ALA C 89 10.01 13.41 -11.44
N ALA C 90 9.87 13.05 -10.16
CA ALA C 90 9.04 11.90 -9.81
C ALA C 90 7.61 12.08 -10.30
N ALA C 91 7.10 13.30 -10.29
CA ALA C 91 5.75 13.55 -10.77
C ALA C 91 5.67 13.45 -12.29
N GLU C 92 6.76 13.73 -13.00
CA GLU C 92 6.79 13.47 -14.43
C GLU C 92 6.73 11.96 -14.72
N GLN C 93 7.46 11.18 -13.93
CA GLN C 93 7.32 9.72 -14.03
C GLN C 93 5.88 9.29 -13.70
N LEU C 94 5.29 9.91 -12.69
CA LEU C 94 3.89 9.66 -12.37
C LEU C 94 2.97 9.99 -13.54
N LYS C 95 3.27 11.08 -14.25
CA LYS C 95 2.49 11.46 -15.42
C LYS C 95 2.57 10.38 -16.49
N THR C 96 3.78 9.86 -16.73
CA THR C 96 3.95 8.74 -17.65
C THR C 96 3.06 7.56 -17.25
N THR C 97 3.14 7.15 -15.98
CA THR C 97 2.37 5.99 -15.52
C THR C 97 0.87 6.24 -15.61
N VAL C 98 0.42 7.43 -15.24
CA VAL C 98 -1.00 7.76 -15.23
C VAL C 98 -1.55 7.77 -16.65
N ASN C 99 -0.82 8.38 -17.59
CA ASN C 99 -1.28 8.38 -18.97
C ASN C 99 -1.28 6.97 -19.55
N ALA C 100 -0.28 6.16 -19.20
CA ALA C 100 -0.27 4.77 -19.63
C ALA C 100 -1.52 4.05 -19.17
N HIS C 101 -1.83 4.11 -17.88
N HIS C 101 -1.84 4.11 -17.88
CA HIS C 101 -3.02 3.45 -17.36
CA HIS C 101 -3.02 3.43 -17.36
C HIS C 101 -4.29 4.01 -17.98
C HIS C 101 -4.30 4.00 -17.98
N TRP C 102 -4.37 5.32 -18.14
CA TRP C 102 -5.57 5.96 -18.67
C TRP C 102 -5.86 5.51 -20.08
N GLN C 103 -4.87 5.63 -20.98
CA GLN C 103 -5.07 5.20 -22.35
C GLN C 103 -5.14 3.69 -22.49
N LYS C 104 -4.68 2.94 -21.49
CA LYS C 104 -4.83 1.49 -21.55
C LYS C 104 -6.25 1.05 -21.21
N TYR C 105 -6.87 1.67 -20.20
CA TYR C 105 -8.15 1.19 -19.71
C TYR C 105 -9.33 2.06 -20.12
N ARG C 106 -9.12 3.13 -20.88
CA ARG C 106 -10.24 3.94 -21.34
C ARG C 106 -10.93 3.31 -22.55
BI BS3 D . 8.93 8.30 4.58
NI NI E . 6.23 6.58 3.83
CA CA F . 30.21 -25.08 -5.90
#